data_2Q3J
#
_entry.id   2Q3J
#
_cell.length_a   49.780
_cell.length_b   58.570
_cell.length_c   97.830
_cell.angle_alpha   90.00
_cell.angle_beta   90.00
_cell.angle_gamma   90.00
#
_symmetry.space_group_name_H-M   'P 21 21 21'
#
loop_
_entity.id
_entity.type
_entity.pdbx_description
1 polymer Ferrochelatase
2 non-polymer 'MAGNESIUM ION'
3 non-polymer 'N-METHYL PROTOPORPHYRIN IX 2,4-DISULFONIC ACID'
4 water water
#
_entity_poly.entity_id   1
_entity_poly.type   'polypeptide(L)'
_entity_poly.pdbx_seq_one_letter_code
;SRKKMGLLVMAYGTPYKEEDIERYYTHIRRGRKPEPEMLQDLKDRYEAIGGISPLAQITEQQAHNLEQHLNEIQDEITFK
AYIGLKHIEPFIEDAVAEMHKDGITEAVSIVLAPHFSTFSVQSYNKRAKEEAEKLGGLTITSVESWYDEPKFVTYWVDRV
KETYASMPEDERENAMLIVSAASLPEKIKEFGDPYPDQLHESAKLIAEGAGVSEYAVGWQSEGNTPDPWLGPDVQDLTRD
LFEQKGYQAFVYVPVGFVADHLEVLYDNDYECKVVTDDIGASYYRPEMPNAKPEFIDALATVVLKKLGR
;
_entity_poly.pdbx_strand_id   A
#
loop_
_chem_comp.id
_chem_comp.type
_chem_comp.name
_chem_comp.formula
H02 non-polymer 'N-METHYL PROTOPORPHYRIN IX 2,4-DISULFONIC ACID' 'C35 H42 N4 O4'
MG non-polymer 'MAGNESIUM ION' 'Mg 2'
#
# COMPACT_ATOMS: atom_id res chain seq x y z
N LYS A 4 4.13 -27.99 -5.99
CA LYS A 4 4.25 -26.68 -6.69
C LYS A 4 3.00 -25.84 -6.44
N MET A 5 3.11 -24.84 -5.56
CA MET A 5 1.96 -24.00 -5.25
C MET A 5 2.08 -22.61 -5.86
N GLY A 6 0.94 -22.03 -6.22
CA GLY A 6 0.93 -20.71 -6.79
C GLY A 6 0.97 -19.63 -5.72
N LEU A 7 1.70 -18.56 -6.01
CA LEU A 7 1.80 -17.42 -5.11
C LEU A 7 1.33 -16.23 -5.93
N LEU A 8 0.05 -15.90 -5.79
CA LEU A 8 -0.56 -14.78 -6.51
C LEU A 8 -0.40 -13.52 -5.70
N VAL A 9 0.47 -12.62 -6.18
CA VAL A 9 0.72 -11.35 -5.53
C VAL A 9 -0.02 -10.25 -6.31
N MET A 10 -0.92 -9.55 -5.62
CA MET A 10 -1.69 -8.51 -6.28
C MET A 10 -1.49 -7.11 -5.72
N ALA A 11 -1.65 -6.13 -6.60
CA ALA A 11 -1.50 -4.74 -6.20
C ALA A 11 -2.26 -3.88 -7.20
N TYR A 12 -2.46 -2.63 -6.82
CA TYR A 12 -3.18 -1.66 -7.66
C TYR A 12 -2.50 -1.56 -9.02
N GLY A 13 -1.17 -1.44 -9.00
CA GLY A 13 -0.42 -1.34 -10.25
C GLY A 13 0.07 0.06 -10.59
N THR A 14 1.19 0.11 -11.31
CA THR A 14 1.80 1.36 -11.76
C THR A 14 2.36 1.13 -13.18
N PRO A 15 2.28 2.14 -14.06
CA PRO A 15 2.81 1.96 -15.42
C PRO A 15 4.29 1.57 -15.42
N TYR A 16 4.63 0.64 -16.32
CA TYR A 16 6.01 0.17 -16.47
C TYR A 16 6.80 1.12 -17.36
N LYS A 17 6.09 1.84 -18.23
CA LYS A 17 6.72 2.79 -19.15
C LYS A 17 5.88 4.05 -19.18
N GLU A 18 6.51 5.20 -19.44
CA GLU A 18 5.75 6.45 -19.49
C GLU A 18 4.68 6.39 -20.57
N GLU A 19 4.95 5.67 -21.65
CA GLU A 19 4.01 5.57 -22.75
C GLU A 19 2.71 4.87 -22.33
N ASP A 20 2.72 4.29 -21.14
CA ASP A 20 1.56 3.58 -20.61
C ASP A 20 0.72 4.39 -19.63
N ILE A 21 1.16 5.58 -19.27
CA ILE A 21 0.41 6.40 -18.32
C ILE A 21 -1.02 6.65 -18.75
N GLU A 22 -1.23 6.99 -20.02
CA GLU A 22 -2.56 7.27 -20.52
C GLU A 22 -3.55 6.11 -20.37
N ARG A 23 -3.19 4.94 -20.89
CA ARG A 23 -4.07 3.79 -20.80
C ARG A 23 -4.35 3.41 -19.35
N TYR A 24 -3.34 3.55 -18.50
CA TYR A 24 -3.48 3.26 -17.08
C TYR A 24 -4.60 4.15 -16.52
N TYR A 25 -4.60 5.40 -16.94
CA TYR A 25 -5.56 6.39 -16.51
C TYR A 25 -6.95 6.00 -17.01
N THR A 26 -7.01 5.60 -18.27
CA THR A 26 -8.28 5.20 -18.89
C THR A 26 -8.87 4.04 -18.11
N HIS A 27 -8.02 3.04 -17.87
CA HIS A 27 -8.44 1.86 -17.13
C HIS A 27 -9.02 2.24 -15.76
N ILE A 28 -8.36 3.17 -15.08
CA ILE A 28 -8.84 3.63 -13.78
C ILE A 28 -10.16 4.39 -13.97
N ARG A 29 -10.28 5.12 -15.07
CA ARG A 29 -11.49 5.87 -15.35
C ARG A 29 -12.57 4.99 -15.98
N ARG A 30 -12.30 3.70 -16.00
CA ARG A 30 -13.24 2.72 -16.53
C ARG A 30 -13.73 2.90 -17.98
N GLY A 31 -12.78 3.08 -18.89
CA GLY A 31 -13.14 3.23 -20.28
C GLY A 31 -13.08 4.62 -20.87
N ARG A 32 -12.87 5.64 -20.03
CA ARG A 32 -12.79 7.01 -20.55
C ARG A 32 -11.36 7.52 -20.50
N LYS A 33 -10.83 7.90 -21.67
CA LYS A 33 -9.49 8.45 -21.71
C LYS A 33 -9.50 9.72 -20.87
N PRO A 34 -8.36 10.07 -20.26
CA PRO A 34 -8.39 11.28 -19.46
C PRO A 34 -8.36 12.52 -20.35
N GLU A 35 -8.83 13.65 -19.83
CA GLU A 35 -8.81 14.90 -20.57
C GLU A 35 -7.33 15.26 -20.74
N PRO A 36 -6.96 15.87 -21.88
CA PRO A 36 -5.57 16.27 -22.15
C PRO A 36 -4.82 16.84 -20.96
N GLU A 37 -5.41 17.88 -20.34
CA GLU A 37 -4.79 18.51 -19.17
C GLU A 37 -4.69 17.54 -18.01
N MET A 38 -5.79 16.87 -17.72
CA MET A 38 -5.85 15.90 -16.64
C MET A 38 -4.73 14.87 -16.83
N LEU A 39 -4.55 14.40 -18.06
CA LEU A 39 -3.51 13.43 -18.36
C LEU A 39 -2.14 14.05 -18.16
N GLN A 40 -1.96 15.28 -18.62
CA GLN A 40 -0.69 15.99 -18.51
C GLN A 40 -0.34 16.19 -17.05
N ASP A 41 -1.35 16.42 -16.22
CA ASP A 41 -1.13 16.63 -14.80
C ASP A 41 -0.63 15.37 -14.10
N LEU A 42 -0.97 14.19 -14.64
CA LEU A 42 -0.49 12.96 -14.01
C LEU A 42 0.95 12.77 -14.46
N LYS A 43 1.19 13.02 -15.74
CA LYS A 43 2.54 12.88 -16.29
C LYS A 43 3.49 13.82 -15.55
N ASP A 44 2.99 15.00 -15.17
CA ASP A 44 3.80 16.00 -14.45
C ASP A 44 4.22 15.48 -13.09
N ARG A 45 3.28 14.86 -12.38
CA ARG A 45 3.55 14.32 -11.06
C ARG A 45 4.62 13.22 -11.09
N TYR A 46 4.57 12.36 -12.11
CA TYR A 46 5.55 11.28 -12.22
C TYR A 46 6.95 11.85 -12.47
N GLU A 47 7.02 12.91 -13.25
CA GLU A 47 8.29 13.56 -13.54
C GLU A 47 8.78 14.23 -12.25
N ALA A 48 7.86 14.91 -11.58
CA ALA A 48 8.17 15.60 -10.34
C ALA A 48 8.91 14.70 -9.35
N ILE A 49 8.58 13.41 -9.33
CA ILE A 49 9.24 12.50 -8.40
C ILE A 49 10.44 11.75 -8.97
N GLY A 50 10.88 12.14 -10.16
CA GLY A 50 12.04 11.48 -10.74
C GLY A 50 11.81 10.52 -11.90
N GLY A 51 10.56 10.40 -12.34
CA GLY A 51 10.28 9.50 -13.44
C GLY A 51 9.49 8.28 -12.99
N ILE A 52 8.73 7.70 -13.90
CA ILE A 52 7.90 6.55 -13.57
C ILE A 52 8.71 5.25 -13.52
N SER A 53 9.71 5.16 -14.39
CA SER A 53 10.59 3.99 -14.53
C SER A 53 10.81 3.07 -13.32
N PRO A 54 11.33 3.58 -12.20
CA PRO A 54 11.59 2.79 -10.98
C PRO A 54 10.39 2.13 -10.30
N LEU A 55 9.27 2.85 -10.21
CA LEU A 55 8.08 2.37 -9.53
C LEU A 55 7.58 0.94 -9.80
N ALA A 56 7.37 0.59 -11.07
CA ALA A 56 6.89 -0.74 -11.40
C ALA A 56 7.87 -1.84 -11.01
N GLN A 57 9.16 -1.51 -10.96
CA GLN A 57 10.17 -2.50 -10.63
C GLN A 57 10.09 -2.98 -9.18
N ILE A 58 9.70 -2.09 -8.28
CA ILE A 58 9.57 -2.44 -6.86
C ILE A 58 8.56 -3.57 -6.62
N THR A 59 7.41 -3.50 -7.26
CA THR A 59 6.39 -4.54 -7.09
C THR A 59 6.92 -5.87 -7.58
N GLU A 60 7.71 -5.83 -8.66
CA GLU A 60 8.33 -7.02 -9.26
C GLU A 60 9.32 -7.67 -8.29
N GLN A 61 10.14 -6.84 -7.66
CA GLN A 61 11.14 -7.29 -6.70
C GLN A 61 10.50 -7.87 -5.46
N GLN A 62 9.37 -7.29 -5.06
CA GLN A 62 8.67 -7.76 -3.88
C GLN A 62 8.14 -9.17 -4.10
N ALA A 63 7.51 -9.39 -5.24
CA ALA A 63 6.96 -10.70 -5.56
C ALA A 63 8.07 -11.72 -5.79
N HIS A 64 9.11 -11.31 -6.50
CA HIS A 64 10.23 -12.19 -6.79
C HIS A 64 10.93 -12.58 -5.50
N ASN A 65 11.27 -11.60 -4.68
CA ASN A 65 11.95 -11.87 -3.42
C ASN A 65 11.10 -12.69 -2.46
N LEU A 66 9.80 -12.47 -2.49
CA LEU A 66 8.92 -13.22 -1.60
C LEU A 66 8.92 -14.69 -2.00
N GLU A 67 8.94 -14.93 -3.31
CA GLU A 67 8.97 -16.29 -3.83
C GLU A 67 10.28 -16.95 -3.41
N GLN A 68 11.39 -16.26 -3.63
CA GLN A 68 12.70 -16.79 -3.28
C GLN A 68 12.87 -17.07 -1.78
N HIS A 69 12.34 -16.18 -0.94
CA HIS A 69 12.47 -16.36 0.49
C HIS A 69 11.60 -17.49 1.01
N LEU A 70 10.37 -17.58 0.51
CA LEU A 70 9.47 -18.65 0.92
C LEU A 70 10.08 -20.00 0.56
N ASN A 71 10.71 -20.09 -0.61
CA ASN A 71 11.31 -21.34 -1.03
C ASN A 71 12.62 -21.61 -0.32
N GLU A 72 13.18 -20.58 0.30
CA GLU A 72 14.43 -20.72 1.01
C GLU A 72 14.26 -21.13 2.48
N ILE A 73 13.29 -20.55 3.19
CA ILE A 73 13.09 -20.83 4.60
C ILE A 73 12.40 -22.14 4.97
N GLN A 74 11.72 -22.77 4.02
CA GLN A 74 11.04 -24.05 4.28
C GLN A 74 11.19 -24.96 3.07
N ASP A 75 11.11 -26.28 3.27
CA ASP A 75 11.29 -27.22 2.16
C ASP A 75 10.07 -28.07 1.79
N GLU A 76 8.93 -27.77 2.38
CA GLU A 76 7.71 -28.53 2.11
C GLU A 76 7.06 -28.09 0.80
N ILE A 77 6.99 -26.78 0.58
CA ILE A 77 6.35 -26.23 -0.59
C ILE A 77 7.26 -25.40 -1.47
N THR A 78 7.11 -25.53 -2.78
CA THR A 78 7.89 -24.75 -3.73
C THR A 78 6.91 -23.75 -4.32
N PHE A 79 7.12 -22.47 -4.02
CA PHE A 79 6.22 -21.44 -4.53
C PHE A 79 6.65 -20.87 -5.87
N LYS A 80 5.64 -20.47 -6.65
CA LYS A 80 5.84 -19.87 -7.96
C LYS A 80 4.99 -18.60 -7.94
N ALA A 81 5.65 -17.46 -8.06
CA ALA A 81 4.99 -16.17 -8.01
C ALA A 81 4.39 -15.72 -9.33
N TYR A 82 3.21 -15.11 -9.23
CA TYR A 82 2.52 -14.57 -10.39
C TYR A 82 1.96 -13.23 -9.96
N ILE A 83 2.34 -12.18 -10.68
CA ILE A 83 1.86 -10.84 -10.35
C ILE A 83 0.54 -10.57 -11.07
N GLY A 84 -0.40 -10.04 -10.30
CA GLY A 84 -1.71 -9.71 -10.84
C GLY A 84 -2.00 -8.29 -10.41
N LEU A 85 -2.20 -7.40 -11.37
CA LEU A 85 -2.48 -6.01 -11.06
C LEU A 85 -3.89 -5.62 -11.50
N LYS A 86 -4.45 -4.63 -10.81
CA LYS A 86 -5.80 -4.17 -11.08
C LYS A 86 -5.93 -3.32 -12.34
N HIS A 87 -5.02 -2.37 -12.54
CA HIS A 87 -5.10 -1.49 -13.68
C HIS A 87 -3.95 -1.56 -14.68
N ILE A 88 -3.07 -2.53 -14.52
CA ILE A 88 -1.92 -2.71 -15.40
C ILE A 88 -1.68 -4.18 -15.72
N GLU A 89 -1.25 -4.47 -16.94
CA GLU A 89 -0.95 -5.84 -17.35
C GLU A 89 0.37 -6.19 -16.64
N PRO A 90 0.51 -7.43 -16.17
CA PRO A 90 -0.50 -8.50 -16.27
C PRO A 90 -1.67 -8.27 -15.32
N PHE A 91 -2.88 -8.30 -15.85
CA PHE A 91 -4.04 -8.11 -15.00
C PHE A 91 -4.24 -9.36 -14.14
N ILE A 92 -4.99 -9.19 -13.06
CA ILE A 92 -5.32 -10.24 -12.12
C ILE A 92 -5.83 -11.49 -12.84
N GLU A 93 -6.78 -11.31 -13.76
CA GLU A 93 -7.34 -12.43 -14.49
C GLU A 93 -6.32 -13.07 -15.43
N ASP A 94 -5.36 -12.29 -15.91
CA ASP A 94 -4.33 -12.83 -16.80
C ASP A 94 -3.40 -13.71 -15.97
N ALA A 95 -3.11 -13.28 -14.73
CA ALA A 95 -2.22 -14.04 -13.87
C ALA A 95 -2.82 -15.38 -13.48
N VAL A 96 -4.13 -15.39 -13.23
CA VAL A 96 -4.81 -16.62 -12.86
C VAL A 96 -4.85 -17.56 -14.05
N ALA A 97 -5.13 -17.00 -15.23
CA ALA A 97 -5.18 -17.76 -16.47
C ALA A 97 -3.85 -18.45 -16.71
N GLU A 98 -2.76 -17.72 -16.44
CA GLU A 98 -1.43 -18.27 -16.62
C GLU A 98 -1.11 -19.36 -15.60
N MET A 99 -1.58 -19.21 -14.36
CA MET A 99 -1.31 -20.23 -13.36
C MET A 99 -2.01 -21.51 -13.80
N HIS A 100 -3.23 -21.34 -14.28
CA HIS A 100 -4.04 -22.45 -14.76
C HIS A 100 -3.38 -23.12 -15.95
N LYS A 101 -2.90 -22.31 -16.89
CA LYS A 101 -2.24 -22.84 -18.06
C LYS A 101 -0.98 -23.62 -17.66
N ASP A 102 -0.29 -23.14 -16.62
CA ASP A 102 0.92 -23.79 -16.14
C ASP A 102 0.70 -25.07 -15.35
N GLY A 103 -0.55 -25.41 -15.07
CA GLY A 103 -0.82 -26.63 -14.34
C GLY A 103 -0.99 -26.51 -12.84
N ILE A 104 -0.93 -25.28 -12.32
CA ILE A 104 -1.09 -25.05 -10.88
C ILE A 104 -2.53 -25.37 -10.47
N THR A 105 -2.69 -26.13 -9.38
CA THR A 105 -4.03 -26.47 -8.92
C THR A 105 -4.36 -25.85 -7.57
N GLU A 106 -3.32 -25.40 -6.86
CA GLU A 106 -3.52 -24.76 -5.56
C GLU A 106 -2.67 -23.50 -5.53
N ALA A 107 -3.24 -22.44 -5.00
CA ALA A 107 -2.51 -21.18 -4.91
C ALA A 107 -2.91 -20.35 -3.70
N VAL A 108 -1.99 -19.54 -3.23
CA VAL A 108 -2.25 -18.66 -2.10
C VAL A 108 -2.07 -17.25 -2.64
N SER A 109 -2.98 -16.36 -2.30
CA SER A 109 -2.86 -15.00 -2.80
C SER A 109 -2.68 -14.03 -1.66
N ILE A 110 -2.10 -12.87 -1.96
CA ILE A 110 -1.90 -11.83 -0.98
C ILE A 110 -1.83 -10.51 -1.73
N VAL A 111 -2.48 -9.49 -1.17
CA VAL A 111 -2.50 -8.16 -1.77
C VAL A 111 -1.44 -7.32 -1.08
N LEU A 112 -0.77 -6.47 -1.85
CA LEU A 112 0.26 -5.61 -1.30
C LEU A 112 -0.34 -4.35 -0.70
N ALA A 113 -1.22 -4.56 0.28
CA ALA A 113 -1.92 -3.53 1.02
C ALA A 113 -2.36 -4.29 2.27
N PRO A 114 -1.75 -3.96 3.43
CA PRO A 114 -2.02 -4.59 4.73
C PRO A 114 -3.43 -4.53 5.31
N HIS A 115 -4.20 -3.52 4.94
CA HIS A 115 -5.55 -3.42 5.49
C HIS A 115 -6.57 -3.95 4.52
N PHE A 116 -7.56 -4.64 5.06
CA PHE A 116 -8.63 -5.17 4.25
C PHE A 116 -9.59 -4.03 3.91
N SER A 117 -10.18 -4.09 2.74
CA SER A 117 -11.15 -3.11 2.29
C SER A 117 -11.90 -3.82 1.18
N THR A 118 -13.13 -3.40 0.90
CA THR A 118 -13.87 -4.04 -0.17
C THR A 118 -13.28 -3.68 -1.54
N PHE A 119 -12.96 -2.40 -1.71
CA PHE A 119 -12.40 -1.94 -2.99
C PHE A 119 -10.98 -2.39 -3.29
N SER A 120 -10.13 -2.55 -2.27
CA SER A 120 -8.74 -2.92 -2.53
C SER A 120 -8.21 -4.31 -2.22
N VAL A 121 -9.02 -5.16 -1.58
CA VAL A 121 -8.54 -6.50 -1.32
C VAL A 121 -9.61 -7.49 -1.73
N GLN A 122 -10.82 -7.28 -1.21
CA GLN A 122 -11.93 -8.16 -1.52
C GLN A 122 -12.20 -8.22 -3.02
N SER A 123 -12.17 -7.07 -3.70
CA SER A 123 -12.43 -7.07 -5.13
C SER A 123 -11.33 -7.79 -5.93
N TYR A 124 -10.10 -7.79 -5.42
CA TYR A 124 -9.02 -8.50 -6.11
C TYR A 124 -9.21 -10.00 -5.95
N ASN A 125 -9.46 -10.42 -4.71
CA ASN A 125 -9.66 -11.83 -4.41
C ASN A 125 -10.87 -12.39 -5.16
N LYS A 126 -11.92 -11.59 -5.23
CA LYS A 126 -13.15 -11.98 -5.91
C LYS A 126 -12.89 -12.22 -7.39
N ARG A 127 -12.28 -11.24 -8.04
CA ARG A 127 -11.94 -11.32 -9.46
C ARG A 127 -11.05 -12.53 -9.73
N ALA A 128 -10.10 -12.74 -8.84
CA ALA A 128 -9.16 -13.84 -8.95
C ALA A 128 -9.84 -15.20 -8.82
N LYS A 129 -10.69 -15.36 -7.79
CA LYS A 129 -11.38 -16.62 -7.56
C LYS A 129 -12.45 -16.94 -8.61
N GLU A 130 -13.10 -15.91 -9.13
CA GLU A 130 -14.12 -16.11 -10.13
C GLU A 130 -13.49 -16.56 -11.44
N GLU A 131 -12.29 -16.07 -11.71
CA GLU A 131 -11.59 -16.46 -12.92
C GLU A 131 -11.10 -17.90 -12.78
N ALA A 132 -10.67 -18.27 -11.58
CA ALA A 132 -10.18 -19.62 -11.31
C ALA A 132 -11.30 -20.64 -11.46
N GLU A 133 -12.49 -20.27 -10.97
CA GLU A 133 -13.65 -21.14 -11.06
C GLU A 133 -14.11 -21.32 -12.49
N LYS A 134 -14.03 -20.25 -13.28
CA LYS A 134 -14.43 -20.31 -14.67
C LYS A 134 -13.45 -21.20 -15.45
N LEU A 135 -12.20 -21.25 -14.99
CA LEU A 135 -11.22 -22.09 -15.66
C LEU A 135 -11.32 -23.52 -15.15
N GLY A 136 -11.55 -23.66 -13.85
CA GLY A 136 -11.68 -24.98 -13.27
C GLY A 136 -10.39 -25.61 -12.81
N GLY A 137 -10.46 -26.32 -11.69
CA GLY A 137 -9.30 -27.02 -11.15
C GLY A 137 -8.22 -26.18 -10.50
N LEU A 138 -8.55 -24.95 -10.14
CA LEU A 138 -7.59 -24.06 -9.49
C LEU A 138 -8.25 -23.42 -8.26
N THR A 139 -7.79 -23.83 -7.08
CA THR A 139 -8.31 -23.32 -5.83
C THR A 139 -7.37 -22.29 -5.22
N ILE A 140 -7.87 -21.07 -5.04
CA ILE A 140 -7.10 -19.98 -4.47
C ILE A 140 -7.48 -19.64 -3.02
N THR A 141 -6.51 -19.72 -2.12
CA THR A 141 -6.73 -19.38 -0.71
C THR A 141 -6.19 -17.96 -0.55
N SER A 142 -7.05 -17.04 -0.15
CA SER A 142 -6.65 -15.64 -0.04
C SER A 142 -6.39 -15.01 1.32
N VAL A 143 -5.27 -14.30 1.39
CA VAL A 143 -4.92 -13.55 2.60
C VAL A 143 -5.80 -12.30 2.48
N GLU A 144 -6.47 -11.94 3.56
CA GLU A 144 -7.35 -10.78 3.50
C GLU A 144 -6.84 -9.54 4.20
N SER A 145 -6.06 -9.73 5.27
CA SER A 145 -5.47 -8.60 5.98
C SER A 145 -4.26 -9.11 6.76
N TRP A 146 -3.22 -8.30 6.83
CA TRP A 146 -2.02 -8.69 7.55
C TRP A 146 -1.36 -7.53 8.29
N TYR A 147 -2.08 -6.41 8.40
CA TYR A 147 -1.57 -5.24 9.09
C TYR A 147 -1.16 -5.55 10.53
N ASP A 148 -1.72 -6.61 11.11
CA ASP A 148 -1.39 -6.98 12.48
C ASP A 148 -0.29 -8.04 12.63
N GLU A 149 0.36 -8.40 11.53
CA GLU A 149 1.46 -9.37 11.59
C GLU A 149 2.57 -8.68 12.39
N PRO A 150 2.93 -9.24 13.55
CA PRO A 150 3.98 -8.66 14.41
C PRO A 150 5.27 -8.24 13.71
N LYS A 151 5.72 -8.99 12.70
CA LYS A 151 6.94 -8.63 12.00
C LYS A 151 6.74 -7.37 11.15
N PHE A 152 5.52 -7.17 10.67
CA PHE A 152 5.21 -6.00 9.86
C PHE A 152 5.13 -4.80 10.80
N VAL A 153 4.40 -4.97 11.90
CA VAL A 153 4.25 -3.91 12.89
C VAL A 153 5.64 -3.51 13.41
N THR A 154 6.47 -4.50 13.72
CA THR A 154 7.83 -4.23 14.20
C THR A 154 8.63 -3.42 13.20
N TYR A 155 8.45 -3.70 11.92
CA TYR A 155 9.16 -2.97 10.87
C TYR A 155 8.92 -1.48 11.01
N TRP A 156 7.65 -1.09 11.12
CA TRP A 156 7.30 0.31 11.24
C TRP A 156 7.66 0.90 12.62
N VAL A 157 7.48 0.11 13.67
CA VAL A 157 7.80 0.56 15.02
C VAL A 157 9.29 0.96 15.07
N ASP A 158 10.15 0.15 14.48
CA ASP A 158 11.59 0.44 14.47
C ASP A 158 11.93 1.67 13.62
N ARG A 159 11.24 1.84 12.49
CA ARG A 159 11.50 2.99 11.63
C ARG A 159 11.10 4.26 12.37
N VAL A 160 10.02 4.17 13.15
CA VAL A 160 9.52 5.32 13.89
C VAL A 160 10.41 5.67 15.08
N LYS A 161 10.79 4.65 15.85
CA LYS A 161 11.65 4.88 17.00
C LYS A 161 12.91 5.61 16.54
N GLU A 162 13.44 5.17 15.40
CA GLU A 162 14.66 5.75 14.83
C GLU A 162 14.49 7.20 14.42
N THR A 163 13.36 7.50 13.77
CA THR A 163 13.08 8.86 13.33
C THR A 163 12.98 9.78 14.55
N TYR A 164 12.27 9.34 15.57
CA TYR A 164 12.11 10.14 16.78
C TYR A 164 13.41 10.34 17.54
N ALA A 165 14.20 9.27 17.63
CA ALA A 165 15.48 9.32 18.33
C ALA A 165 16.51 10.16 17.57
N SER A 166 16.22 10.51 16.33
CA SER A 166 17.15 11.31 15.54
C SER A 166 16.69 12.76 15.44
N MET A 167 15.59 13.09 16.10
CA MET A 167 15.06 14.44 16.07
C MET A 167 15.72 15.31 17.14
N PRO A 168 15.76 16.62 16.92
CA PRO A 168 16.36 17.49 17.93
C PRO A 168 15.38 17.61 19.10
N GLU A 169 15.92 17.90 20.29
CA GLU A 169 15.13 18.06 21.52
C GLU A 169 13.77 18.75 21.39
N ASP A 170 13.76 19.96 20.85
CA ASP A 170 12.52 20.72 20.69
C ASP A 170 11.43 19.95 19.96
N GLU A 171 11.83 19.31 18.86
CA GLU A 171 10.90 18.54 18.05
C GLU A 171 10.39 17.26 18.72
N ARG A 172 11.29 16.48 19.31
CA ARG A 172 10.90 15.24 19.96
C ARG A 172 9.82 15.41 21.01
N GLU A 173 9.72 16.63 21.55
CA GLU A 173 8.72 16.92 22.57
C GLU A 173 7.50 17.64 22.01
N ASN A 174 7.55 17.95 20.71
CA ASN A 174 6.45 18.63 20.05
C ASN A 174 6.23 18.08 18.66
N ALA A 175 6.26 16.75 18.55
CA ALA A 175 6.08 16.09 17.27
C ALA A 175 4.74 15.38 17.25
N MET A 176 4.17 15.26 16.06
CA MET A 176 2.89 14.59 15.87
C MET A 176 3.09 13.52 14.80
N LEU A 177 2.69 12.30 15.13
CA LEU A 177 2.81 11.17 14.21
C LEU A 177 1.50 10.99 13.46
N ILE A 178 1.58 10.93 12.13
CA ILE A 178 0.39 10.76 11.32
C ILE A 178 0.44 9.43 10.57
N VAL A 179 -0.46 8.52 10.91
CA VAL A 179 -0.51 7.21 10.26
C VAL A 179 -1.60 7.27 9.19
N SER A 180 -1.22 6.99 7.94
CA SER A 180 -2.18 7.06 6.86
C SER A 180 -2.28 5.85 5.93
N ALA A 181 -3.34 5.85 5.13
CA ALA A 181 -3.59 4.81 4.13
C ALA A 181 -4.34 5.48 2.99
N ALA A 182 -4.48 4.77 1.88
CA ALA A 182 -5.19 5.33 0.74
C ALA A 182 -6.67 5.50 1.05
N SER A 183 -7.19 6.69 0.80
CA SER A 183 -8.59 6.95 1.05
C SER A 183 -9.43 6.16 0.07
N LEU A 184 -10.71 5.97 0.42
CA LEU A 184 -11.65 5.26 -0.43
C LEU A 184 -13.01 5.93 -0.28
N PRO A 185 -13.94 5.68 -1.22
CA PRO A 185 -15.26 6.28 -1.13
C PRO A 185 -15.90 5.88 0.21
N GLU A 186 -16.61 6.81 0.83
CA GLU A 186 -17.28 6.55 2.09
C GLU A 186 -18.39 5.51 1.98
N LYS A 187 -18.85 5.25 0.76
CA LYS A 187 -19.92 4.29 0.58
C LYS A 187 -19.52 2.85 0.87
N ILE A 188 -18.24 2.63 1.20
CA ILE A 188 -17.81 1.28 1.54
C ILE A 188 -18.53 0.87 2.82
N LYS A 189 -18.99 1.86 3.58
CA LYS A 189 -19.69 1.61 4.84
C LYS A 189 -20.97 0.82 4.57
N GLU A 190 -21.48 0.97 3.36
CA GLU A 190 -22.69 0.27 2.97
C GLU A 190 -22.45 -1.23 2.99
N PHE A 191 -21.17 -1.63 2.97
CA PHE A 191 -20.80 -3.04 2.98
C PHE A 191 -20.18 -3.46 4.30
N GLY A 192 -20.17 -2.56 5.27
CA GLY A 192 -19.61 -2.89 6.57
C GLY A 192 -18.11 -3.06 6.50
N ASP A 193 -17.48 -2.36 5.57
CA ASP A 193 -16.05 -2.42 5.35
C ASP A 193 -15.31 -1.99 6.62
N PRO A 194 -14.41 -2.83 7.14
CA PRO A 194 -13.65 -2.50 8.36
C PRO A 194 -12.34 -1.76 8.07
N TYR A 195 -12.16 -1.37 6.82
CA TYR A 195 -10.97 -0.65 6.39
C TYR A 195 -10.58 0.46 7.38
N PRO A 196 -11.49 1.39 7.69
CA PRO A 196 -11.19 2.47 8.64
C PRO A 196 -10.71 1.94 10.00
N ASP A 197 -11.42 0.94 10.52
CA ASP A 197 -11.06 0.36 11.81
C ASP A 197 -9.68 -0.29 11.79
N GLN A 198 -9.36 -0.97 10.69
CA GLN A 198 -8.05 -1.61 10.60
C GLN A 198 -6.94 -0.58 10.59
N LEU A 199 -7.18 0.57 9.95
CA LEU A 199 -6.16 1.62 9.92
C LEU A 199 -5.93 2.14 11.33
N HIS A 200 -7.01 2.45 12.03
CA HIS A 200 -6.94 2.95 13.40
C HIS A 200 -6.18 2.00 14.29
N GLU A 201 -6.42 0.71 14.14
CA GLU A 201 -5.75 -0.29 14.94
C GLU A 201 -4.27 -0.38 14.53
N SER A 202 -4.03 -0.22 13.25
CA SER A 202 -2.69 -0.26 12.70
C SER A 202 -1.91 0.92 13.30
N ALA A 203 -2.57 2.07 13.38
CA ALA A 203 -1.94 3.26 13.92
C ALA A 203 -1.62 3.09 15.41
N LYS A 204 -2.58 2.55 16.16
CA LYS A 204 -2.38 2.34 17.57
C LYS A 204 -1.21 1.38 17.81
N LEU A 205 -1.22 0.25 17.11
CA LEU A 205 -0.17 -0.74 17.25
C LEU A 205 1.21 -0.16 17.01
N ILE A 206 1.34 0.69 16.00
CA ILE A 206 2.63 1.29 15.70
C ILE A 206 3.00 2.36 16.72
N ALA A 207 2.04 3.18 17.11
CA ALA A 207 2.30 4.24 18.07
C ALA A 207 2.73 3.70 19.44
N GLU A 208 1.95 2.77 19.99
CA GLU A 208 2.30 2.20 21.29
C GLU A 208 3.60 1.39 21.21
N GLY A 209 3.86 0.81 20.05
CA GLY A 209 5.08 0.03 19.90
C GLY A 209 6.30 0.93 19.92
N ALA A 210 6.19 2.09 19.28
CA ALA A 210 7.29 3.05 19.22
C ALA A 210 7.31 3.94 20.44
N GLY A 211 6.34 3.76 21.32
CA GLY A 211 6.29 4.59 22.51
C GLY A 211 5.96 6.04 22.19
N VAL A 212 5.16 6.26 21.16
CA VAL A 212 4.76 7.61 20.79
C VAL A 212 3.33 7.80 21.28
N SER A 213 3.09 8.84 22.07
CA SER A 213 1.75 9.06 22.60
C SER A 213 0.90 10.00 21.74
N GLU A 214 1.54 10.97 21.09
CA GLU A 214 0.83 11.94 20.24
C GLU A 214 0.81 11.46 18.80
N TYR A 215 -0.33 10.96 18.35
CA TYR A 215 -0.44 10.48 16.97
C TYR A 215 -1.87 10.62 16.47
N ALA A 216 -2.04 10.59 15.16
CA ALA A 216 -3.35 10.71 14.56
C ALA A 216 -3.48 9.86 13.30
N VAL A 217 -4.72 9.63 12.89
CA VAL A 217 -5.01 8.82 11.72
C VAL A 217 -5.57 9.68 10.60
N GLY A 218 -5.00 9.56 9.41
CA GLY A 218 -5.49 10.34 8.28
C GLY A 218 -5.54 9.52 7.01
N TRP A 219 -6.13 10.09 5.97
CA TRP A 219 -6.25 9.43 4.68
C TRP A 219 -5.58 10.27 3.61
N GLN A 220 -5.28 9.67 2.46
CA GLN A 220 -4.63 10.41 1.39
C GLN A 220 -4.84 9.83 0.01
N SER A 221 -4.56 10.64 -1.00
CA SER A 221 -4.65 10.24 -2.39
C SER A 221 -6.05 9.92 -2.90
N GLU A 222 -7.08 10.51 -2.30
CA GLU A 222 -8.43 10.25 -2.75
C GLU A 222 -8.59 10.61 -4.23
N GLY A 223 -9.44 9.87 -4.92
CA GLY A 223 -9.67 10.14 -6.33
C GLY A 223 -10.66 11.28 -6.47
N ASN A 224 -10.83 11.75 -7.69
CA ASN A 224 -11.76 12.84 -7.94
C ASN A 224 -13.09 12.36 -8.52
N THR A 225 -14.07 12.15 -7.65
CA THR A 225 -15.39 11.70 -8.08
C THR A 225 -16.49 12.53 -7.43
N PRO A 226 -17.75 12.34 -7.86
CA PRO A 226 -18.85 13.11 -7.26
C PRO A 226 -19.26 12.63 -5.86
N ASP A 227 -18.67 11.53 -5.41
CA ASP A 227 -18.99 10.99 -4.10
C ASP A 227 -17.92 11.35 -3.07
N PRO A 228 -18.31 11.44 -1.79
CA PRO A 228 -17.36 11.77 -0.73
C PRO A 228 -16.43 10.61 -0.40
N TRP A 229 -15.19 10.93 -0.04
CA TRP A 229 -14.19 9.93 0.29
C TRP A 229 -13.75 10.03 1.73
N LEU A 230 -13.20 8.95 2.27
CA LEU A 230 -12.74 8.94 3.65
C LEU A 230 -11.83 10.10 3.97
N GLY A 231 -12.18 10.84 5.03
CA GLY A 231 -11.40 11.97 5.48
C GLY A 231 -11.14 11.84 6.96
N PRO A 232 -10.35 12.74 7.57
CA PRO A 232 -9.69 13.89 6.93
C PRO A 232 -8.48 13.48 6.11
N ASP A 233 -8.14 14.30 5.13
CA ASP A 233 -6.99 14.09 4.25
C ASP A 233 -5.75 14.52 5.05
N VAL A 234 -4.61 13.86 4.83
CA VAL A 234 -3.39 14.20 5.55
C VAL A 234 -3.02 15.68 5.52
N GLN A 235 -3.29 16.34 4.39
CA GLN A 235 -2.95 17.76 4.27
C GLN A 235 -3.72 18.62 5.26
N ASP A 236 -5.04 18.43 5.31
CA ASP A 236 -5.88 19.21 6.21
C ASP A 236 -5.65 18.83 7.67
N LEU A 237 -5.45 17.53 7.91
CA LEU A 237 -5.22 17.06 9.27
C LEU A 237 -3.97 17.72 9.86
N THR A 238 -2.94 17.86 9.03
CA THR A 238 -1.70 18.47 9.49
C THR A 238 -1.95 19.92 9.90
N ARG A 239 -2.69 20.65 9.09
CA ARG A 239 -3.00 22.03 9.39
C ARG A 239 -3.81 22.19 10.67
N ASP A 240 -4.88 21.42 10.78
CA ASP A 240 -5.74 21.50 11.95
C ASP A 240 -4.99 21.11 13.22
N LEU A 241 -4.09 20.14 13.13
CA LEU A 241 -3.33 19.72 14.29
C LEU A 241 -2.33 20.81 14.67
N PHE A 242 -1.70 21.44 13.68
CA PHE A 242 -0.74 22.51 13.95
C PHE A 242 -1.46 23.68 14.62
N GLU A 243 -2.60 24.07 14.05
CA GLU A 243 -3.37 25.17 14.61
C GLU A 243 -3.73 24.90 16.08
N GLN A 244 -3.94 23.65 16.44
CA GLN A 244 -4.32 23.27 17.80
C GLN A 244 -3.22 23.08 18.84
N LYS A 245 -1.99 22.79 18.41
CA LYS A 245 -0.90 22.56 19.36
C LYS A 245 0.46 23.08 18.92
N GLY A 246 0.52 23.63 17.71
CA GLY A 246 1.78 24.15 17.20
C GLY A 246 2.93 23.16 17.17
N TYR A 247 2.65 21.93 16.76
CA TYR A 247 3.70 20.92 16.69
C TYR A 247 4.84 21.43 15.82
N GLN A 248 6.06 21.11 16.23
CA GLN A 248 7.24 21.55 15.50
C GLN A 248 7.69 20.52 14.48
N ALA A 249 7.08 19.35 14.53
CA ALA A 249 7.43 18.28 13.60
C ALA A 249 6.28 17.32 13.37
N PHE A 250 6.23 16.80 12.14
CA PHE A 250 5.22 15.82 11.76
C PHE A 250 5.94 14.65 11.11
N VAL A 251 5.63 13.45 11.58
CA VAL A 251 6.22 12.24 11.03
C VAL A 251 5.10 11.48 10.35
N TYR A 252 5.25 11.26 9.06
CA TYR A 252 4.25 10.56 8.28
C TYR A 252 4.57 9.09 8.04
N VAL A 253 3.64 8.24 8.46
CA VAL A 253 3.75 6.81 8.26
C VAL A 253 2.58 6.32 7.40
N PRO A 254 2.79 6.22 6.09
CA PRO A 254 1.78 5.76 5.13
C PRO A 254 1.77 4.23 5.18
N VAL A 255 1.41 3.70 6.35
CA VAL A 255 1.38 2.28 6.61
C VAL A 255 0.54 1.53 5.57
N GLY A 256 -0.44 2.21 5.00
CA GLY A 256 -1.30 1.60 4.00
C GLY A 256 -0.56 1.27 2.71
N PHE A 257 0.56 1.94 2.46
CA PHE A 257 1.34 1.71 1.25
C PHE A 257 2.62 0.92 1.58
N VAL A 258 3.11 0.14 0.62
CA VAL A 258 4.30 -0.67 0.82
C VAL A 258 5.54 -0.27 0.03
N ALA A 259 5.40 0.65 -0.91
CA ALA A 259 6.55 1.03 -1.73
C ALA A 259 6.69 2.51 -2.01
N ASP A 260 7.79 2.86 -2.65
CA ASP A 260 8.06 4.25 -3.02
C ASP A 260 7.31 4.57 -4.29
N HIS A 261 5.98 4.57 -4.21
CA HIS A 261 5.15 4.88 -5.37
C HIS A 261 4.76 6.35 -5.34
N LEU A 262 3.92 6.74 -6.29
CA LEU A 262 3.45 8.12 -6.44
C LEU A 262 2.72 8.68 -5.21
N GLU A 263 1.89 7.87 -4.59
CA GLU A 263 1.14 8.33 -3.43
C GLU A 263 2.06 8.74 -2.28
N VAL A 264 3.18 8.05 -2.12
CA VAL A 264 4.13 8.40 -1.06
C VAL A 264 5.13 9.47 -1.50
N LEU A 265 5.80 9.24 -2.62
CA LEU A 265 6.80 10.18 -3.10
C LEU A 265 6.23 11.55 -3.42
N TYR A 266 4.98 11.60 -3.87
CA TYR A 266 4.36 12.88 -4.19
C TYR A 266 3.39 13.34 -3.12
N ASP A 267 2.30 12.60 -2.92
CA ASP A 267 1.31 13.01 -1.93
C ASP A 267 1.83 13.24 -0.52
N ASN A 268 2.96 12.63 -0.19
CA ASN A 268 3.57 12.82 1.12
C ASN A 268 4.79 13.74 0.99
N ASP A 269 5.84 13.28 0.32
CA ASP A 269 7.07 14.04 0.17
C ASP A 269 6.94 15.42 -0.47
N TYR A 270 5.87 15.64 -1.23
CA TYR A 270 5.68 16.95 -1.81
C TYR A 270 4.52 17.71 -1.15
N GLU A 271 3.30 17.19 -1.29
CA GLU A 271 2.14 17.87 -0.72
C GLU A 271 2.13 18.02 0.80
N CYS A 272 2.61 17.03 1.52
CA CYS A 272 2.64 17.15 2.98
C CYS A 272 3.81 18.02 3.41
N LYS A 273 4.89 18.03 2.63
CA LYS A 273 6.00 18.88 2.98
C LYS A 273 5.61 20.33 2.68
N VAL A 274 4.72 20.52 1.72
CA VAL A 274 4.25 21.86 1.39
C VAL A 274 3.59 22.43 2.65
N VAL A 275 2.78 21.61 3.30
CA VAL A 275 2.08 22.02 4.51
C VAL A 275 3.04 22.29 5.68
N THR A 276 3.97 21.36 5.92
CA THR A 276 4.92 21.56 7.01
C THR A 276 5.80 22.79 6.76
N ASP A 277 6.26 22.95 5.51
CA ASP A 277 7.08 24.11 5.18
C ASP A 277 6.28 25.39 5.47
N ASP A 278 5.02 25.38 5.03
CA ASP A 278 4.12 26.49 5.21
C ASP A 278 3.90 26.89 6.66
N ILE A 279 3.90 25.91 7.56
CA ILE A 279 3.68 26.18 8.97
C ILE A 279 4.97 26.17 9.80
N GLY A 280 6.11 26.07 9.13
CA GLY A 280 7.38 26.07 9.84
C GLY A 280 7.69 24.85 10.67
N ALA A 281 7.22 23.68 10.24
CA ALA A 281 7.49 22.47 10.98
C ALA A 281 8.36 21.53 10.15
N SER A 282 9.14 20.68 10.81
CA SER A 282 9.97 19.75 10.09
C SER A 282 9.10 18.65 9.49
N TYR A 283 9.60 17.99 8.45
CA TYR A 283 8.86 16.92 7.79
C TYR A 283 9.64 15.62 7.92
N TYR A 284 8.97 14.58 8.41
CA TYR A 284 9.63 13.28 8.55
C TYR A 284 8.75 12.18 7.97
N ARG A 285 9.38 11.28 7.23
CA ARG A 285 8.66 10.17 6.61
C ARG A 285 9.63 8.99 6.47
N PRO A 286 9.56 8.04 7.42
CA PRO A 286 10.43 6.85 7.42
C PRO A 286 10.40 6.11 6.09
N GLU A 287 11.43 5.28 5.88
CA GLU A 287 11.55 4.50 4.64
C GLU A 287 10.38 3.55 4.46
N MET A 288 9.95 3.40 3.22
CA MET A 288 8.86 2.49 2.91
C MET A 288 9.45 1.07 2.89
N PRO A 289 8.61 0.06 3.06
CA PRO A 289 9.11 -1.32 3.05
C PRO A 289 9.79 -1.73 1.73
N ASN A 290 9.19 -1.35 0.61
CA ASN A 290 9.72 -1.71 -0.70
C ASN A 290 10.02 -3.22 -0.75
N ALA A 291 11.25 -3.58 -1.11
CA ALA A 291 11.61 -4.99 -1.18
C ALA A 291 12.68 -5.41 -0.16
N LYS A 292 12.72 -4.72 0.98
CA LYS A 292 13.68 -5.03 2.01
C LYS A 292 13.39 -6.39 2.65
N PRO A 293 14.45 -7.16 2.96
CA PRO A 293 14.38 -8.49 3.56
C PRO A 293 13.51 -8.56 4.82
N GLU A 294 13.54 -7.51 5.63
CA GLU A 294 12.74 -7.48 6.85
C GLU A 294 11.26 -7.50 6.47
N PHE A 295 10.90 -6.76 5.43
CA PHE A 295 9.53 -6.73 4.98
C PHE A 295 9.16 -8.07 4.32
N ILE A 296 10.01 -8.54 3.41
CA ILE A 296 9.75 -9.80 2.73
C ILE A 296 9.57 -10.95 3.72
N ASP A 297 10.33 -10.95 4.82
CA ASP A 297 10.19 -12.02 5.79
C ASP A 297 8.84 -11.90 6.50
N ALA A 298 8.36 -10.67 6.65
CA ALA A 298 7.07 -10.46 7.26
C ALA A 298 5.95 -11.03 6.37
N LEU A 299 6.07 -10.80 5.06
CA LEU A 299 5.06 -11.29 4.12
C LEU A 299 5.13 -12.81 4.03
N ALA A 300 6.35 -13.35 4.11
CA ALA A 300 6.55 -14.79 4.05
C ALA A 300 5.87 -15.47 5.22
N THR A 301 5.98 -14.87 6.40
CA THR A 301 5.37 -15.40 7.61
C THR A 301 3.84 -15.33 7.48
N VAL A 302 3.35 -14.26 6.85
CA VAL A 302 1.92 -14.07 6.66
C VAL A 302 1.35 -15.17 5.76
N VAL A 303 2.03 -15.45 4.66
CA VAL A 303 1.60 -16.48 3.72
C VAL A 303 1.65 -17.86 4.34
N LEU A 304 2.74 -18.15 5.07
CA LEU A 304 2.90 -19.43 5.71
C LEU A 304 1.86 -19.66 6.79
N LYS A 305 1.53 -18.61 7.53
CA LYS A 305 0.53 -18.73 8.59
C LYS A 305 -0.83 -19.04 7.98
N LYS A 306 -1.15 -18.41 6.86
CA LYS A 306 -2.43 -18.63 6.21
C LYS A 306 -2.54 -20.09 5.79
N LEU A 307 -1.40 -20.70 5.47
CA LEU A 307 -1.38 -22.10 5.06
C LEU A 307 -1.25 -23.05 6.24
N GLY A 308 -1.26 -22.50 7.45
CA GLY A 308 -1.15 -23.33 8.63
C GLY A 308 0.25 -23.89 8.83
N ARG A 309 1.23 -23.24 8.22
CA ARG A 309 2.62 -23.68 8.33
C ARG A 309 3.45 -22.60 9.00
MG MG B . -4.21 14.15 -4.83
CBA H02 C . -2.96 3.41 -4.77
CAA H02 C . -3.99 4.16 -3.90
C3A H02 C . -5.34 4.19 -4.60
C2A H02 C . -6.48 3.49 -4.25
CMA H02 C . -6.59 2.43 -3.15
C1A H02 C . -7.50 3.83 -5.14
CHA H02 C . -8.79 3.30 -5.20
NA H02 C . -6.99 4.70 -6.00
C4A H02 C . -5.70 4.95 -5.71
CHB H02 C . -5.02 6.01 -6.29
C1B H02 C . -5.33 6.47 -7.56
NB H02 C . -6.52 7.03 -7.75
CCB H02 C . -6.82 7.90 -6.61
C2B H02 C . -4.50 6.91 -8.58
CMB H02 C . -3.00 6.57 -8.76
C3B H02 C . -5.22 7.75 -9.41
CAB H02 C . -4.73 8.52 -10.63
CBB H02 C . -5.53 8.16 -11.89
C4B H02 C . -6.49 7.79 -8.86
CHC H02 C . -7.53 8.68 -9.08
C1C H02 C . -8.84 8.22 -9.20
NC H02 C . -9.21 7.07 -8.65
C2C H02 C . -9.95 8.73 -9.86
CMC H02 C . -10.03 10.03 -10.66
C3C H02 C . -11.00 7.83 -9.68
CAC H02 C . -12.38 7.92 -10.32
CBC H02 C . -12.31 7.33 -11.72
CGC H02 C . -13.59 7.57 -12.51
O1C H02 C . -13.71 8.67 -13.10
O2C H02 C . -14.44 6.64 -12.53
C4C H02 C . -10.48 6.79 -8.91
CHD H02 C . -10.95 5.49 -8.76
C1D H02 C . -10.94 4.84 -7.53
ND H02 C . -9.77 4.68 -6.91
C4D H02 C . -9.82 3.64 -6.07
C3D H02 C . -11.10 3.11 -6.16
CMD H02 C . -11.64 1.94 -5.33
C2D H02 C . -11.82 3.86 -7.08
CAD H02 C . -13.24 3.59 -7.56
CBD H02 C . -14.25 4.57 -6.94
CGD H02 C . -15.66 4.32 -7.48
O1D H02 C . -16.32 5.33 -7.81
O2D H02 C . -16.04 3.14 -7.56
#